data_6FAS
#
_entry.id   6FAS
#
_cell.length_a   40.091
_cell.length_b   86.577
_cell.length_c   65.160
_cell.angle_alpha   90.00
_cell.angle_beta   94.14
_cell.angle_gamma   90.00
#
_symmetry.space_group_name_H-M   'P 1 21 1'
#
loop_
_entity.id
_entity.type
_entity.pdbx_description
1 polymer 'B3 domain-containing transcription repressor VAL1'
2 polymer "DNA (5'-D(*AP*GP*CP*CP*AP*TP*GP*CP*AP*CP*CP*G)-3')"
3 polymer "DNA (5'-D(*CP*GP*GP*TP*GP*CP*AP*TP*GP*GP*CP*T)-3')"
4 water water
#
loop_
_entity_poly.entity_id
_entity_poly.type
_entity_poly.pdbx_seq_one_letter_code
_entity_poly.pdbx_strand_id
1 'polypeptide(L)'
;MNLNIVPLFEKTLSASDAGRIGRLVLPKA(CME)AEAYFPPISQSEGIPLKIQDVRGREWTFQFRYWPNNNSRMYVLEGV
TPCIQSMMLQAGDTVTFSRVDPGGKLIMGSRKAANGHHHHHHG
;
A,B
2 'polydeoxyribonucleotide' (DA)(DG)(DC)(DC)(DA)(DT)(DG)(DC)(DA)(DC)(DC)(DG) C,E
3 'polydeoxyribonucleotide' (DC)(DG)(DG)(DT)(DG)(DC)(DA)(DT)(DG)(DG)(DC)(DT) D,F
#
loop_
_chem_comp.id
_chem_comp.type
_chem_comp.name
_chem_comp.formula
DA DNA linking 2'-DEOXYADENOSINE-5'-MONOPHOSPHATE 'C10 H14 N5 O6 P'
DC DNA linking 2'-DEOXYCYTIDINE-5'-MONOPHOSPHATE 'C9 H14 N3 O7 P'
DG DNA linking 2'-DEOXYGUANOSINE-5'-MONOPHOSPHATE 'C10 H14 N5 O7 P'
DT DNA linking THYMIDINE-5'-MONOPHOSPHATE 'C10 H15 N2 O8 P'
#
# COMPACT_ATOMS: atom_id res chain seq x y z
N MET A 1 -16.00 -14.00 7.25
CA MET A 1 -14.62 -14.12 6.74
C MET A 1 -13.86 -12.80 6.97
N ASN A 2 -12.67 -12.90 7.58
CA ASN A 2 -11.84 -11.73 7.86
C ASN A 2 -11.32 -11.12 6.57
N LEU A 3 -11.11 -9.80 6.62
CA LEU A 3 -10.55 -9.07 5.47
C LEU A 3 -9.16 -9.57 5.13
N ASN A 4 -8.85 -9.62 3.83
CA ASN A 4 -7.55 -10.08 3.37
C ASN A 4 -7.18 -9.34 2.10
N ILE A 5 -5.96 -8.78 2.07
CA ILE A 5 -5.45 -8.19 0.82
C ILE A 5 -4.96 -9.32 -0.08
N VAL A 6 -5.44 -9.31 -1.31
CA VAL A 6 -5.11 -10.31 -2.31
C VAL A 6 -4.47 -9.59 -3.49
N PRO A 7 -3.20 -9.84 -3.80
CA PRO A 7 -2.58 -9.17 -4.96
C PRO A 7 -3.16 -9.68 -6.28
N LEU A 8 -3.37 -8.76 -7.24
CA LEU A 8 -3.93 -9.10 -8.55
C LEU A 8 -2.87 -9.09 -9.64
N PHE A 9 -2.23 -7.95 -9.88
CA PHE A 9 -1.21 -7.88 -10.92
C PHE A 9 -0.44 -6.58 -10.74
N GLU A 10 0.68 -6.47 -11.43
CA GLU A 10 1.43 -5.24 -11.40
C GLU A 10 1.75 -4.80 -12.83
N LYS A 11 2.14 -3.53 -12.95
CA LYS A 11 2.62 -2.99 -14.22
C LYS A 11 3.93 -2.26 -13.96
N THR A 12 4.97 -2.67 -14.65
CA THR A 12 6.19 -1.87 -14.70
C THR A 12 6.00 -0.72 -15.69
N LEU A 13 6.07 0.52 -15.20
CA LEU A 13 5.76 1.68 -16.03
C LEU A 13 6.75 1.81 -17.17
N SER A 14 6.20 1.96 -18.37
CA SER A 14 6.94 2.37 -19.56
C SER A 14 7.16 3.89 -19.54
N ALA A 15 7.98 4.37 -20.47
CA ALA A 15 8.09 5.83 -20.67
C ALA A 15 6.73 6.43 -21.00
N SER A 16 5.95 5.73 -21.82
CA SER A 16 4.62 6.23 -22.17
C SER A 16 3.71 6.29 -20.94
N ASP A 17 3.75 5.25 -20.09
CA ASP A 17 2.88 5.22 -18.91
C ASP A 17 3.16 6.38 -17.95
N ALA A 18 4.43 6.75 -17.79
CA ALA A 18 4.84 7.71 -16.78
C ALA A 18 4.93 9.15 -17.27
N GLY A 19 4.76 9.41 -18.55
CA GLY A 19 4.97 10.73 -19.11
C GLY A 19 3.71 11.57 -19.21
N ARG A 20 3.79 12.63 -20.04
CA ARG A 20 2.77 13.67 -20.08
C ARG A 20 1.41 13.20 -20.56
N ILE A 21 1.32 12.08 -21.28
CA ILE A 21 0.06 11.69 -21.90
C ILE A 21 -0.97 11.27 -20.86
N GLY A 22 -0.54 10.69 -19.74
CA GLY A 22 -1.47 10.43 -18.67
C GLY A 22 -2.33 9.20 -18.88
N ARG A 23 -1.86 8.25 -19.67
CA ARG A 23 -2.51 6.97 -19.92
C ARG A 23 -1.54 5.87 -19.58
N LEU A 24 -2.01 4.88 -18.84
CA LEU A 24 -1.23 3.71 -18.46
C LEU A 24 -1.82 2.50 -19.19
N VAL A 25 -0.99 1.72 -19.88
CA VAL A 25 -1.48 0.52 -20.56
C VAL A 25 -1.52 -0.62 -19.54
N LEU A 26 -2.70 -1.26 -19.38
CA LEU A 26 -2.88 -2.41 -18.49
C LEU A 26 -2.56 -3.69 -19.25
N PRO A 27 -1.87 -4.70 -18.67
CA PRO A 27 -1.78 -6.00 -19.37
C PRO A 27 -3.19 -6.52 -19.66
N LYS A 28 -3.39 -6.94 -20.91
CA LYS A 28 -4.73 -7.31 -21.37
C LYS A 28 -5.32 -8.47 -20.56
N ALA A 29 -4.53 -9.52 -20.34
CA ALA A 29 -4.96 -10.70 -19.56
C ALA A 29 -5.41 -10.32 -18.16
N CME A 30 -4.71 -9.37 -17.55
CA CME A 30 -5.00 -8.96 -16.16
CB CME A 30 -3.79 -8.19 -15.62
SG CME A 30 -2.35 -9.22 -15.62
SD CME A 30 -2.96 -10.71 -14.39
CE CME A 30 -3.50 -12.03 -15.44
CZ CME A 30 -2.30 -12.87 -15.86
OH CME A 30 -2.79 -13.95 -16.63
C CME A 30 -6.22 -8.10 -16.11
O CME A 30 -7.06 -8.27 -15.20
N ALA A 31 -6.36 -7.18 -17.06
CA ALA A 31 -7.53 -6.30 -17.10
C ALA A 31 -8.81 -7.10 -17.29
N GLU A 32 -8.74 -8.14 -18.13
CA GLU A 32 -9.89 -8.98 -18.38
C GLU A 32 -10.15 -10.00 -17.26
N ALA A 33 -9.10 -10.45 -16.56
CA ALA A 33 -9.31 -11.37 -15.43
C ALA A 33 -9.88 -10.66 -14.22
N TYR A 34 -9.35 -9.47 -13.89
CA TYR A 34 -9.58 -8.91 -12.56
C TYR A 34 -10.38 -7.62 -12.51
N PHE A 35 -10.39 -6.83 -13.57
CA PHE A 35 -11.19 -5.60 -13.55
C PHE A 35 -12.56 -5.88 -14.14
N PRO A 36 -13.53 -4.96 -13.99
CA PRO A 36 -14.90 -5.25 -14.45
C PRO A 36 -14.94 -5.42 -15.95
N PRO A 37 -15.71 -6.39 -16.43
CA PRO A 37 -15.88 -6.56 -17.87
C PRO A 37 -16.52 -5.32 -18.46
N ILE A 38 -15.92 -4.79 -19.52
CA ILE A 38 -16.46 -3.63 -20.22
C ILE A 38 -16.69 -4.03 -21.67
N SER A 39 -17.83 -3.61 -22.19
CA SER A 39 -18.29 -3.92 -23.55
C SER A 39 -18.10 -2.78 -24.52
N GLN A 40 -18.04 -1.56 -24.00
CA GLN A 40 -18.04 -0.36 -24.81
C GLN A 40 -16.68 0.31 -24.67
N SER A 41 -16.10 0.68 -25.80
CA SER A 41 -14.79 1.30 -25.88
C SER A 41 -14.63 2.44 -24.86
N GLU A 42 -15.71 3.16 -24.59
CA GLU A 42 -15.69 4.30 -23.68
C GLU A 42 -15.30 3.91 -22.26
N GLY A 43 -15.66 2.70 -21.83
CA GLY A 43 -15.26 2.16 -20.54
C GLY A 43 -16.13 2.65 -19.39
N ILE A 44 -15.55 2.60 -18.19
CA ILE A 44 -16.22 3.03 -16.96
C ILE A 44 -15.26 3.80 -16.09
N PRO A 45 -15.77 4.68 -15.22
CA PRO A 45 -14.92 5.24 -14.16
C PRO A 45 -14.51 4.13 -13.24
N LEU A 46 -13.26 4.17 -12.78
CA LEU A 46 -12.77 3.14 -11.86
C LEU A 46 -12.12 3.85 -10.67
N LYS A 47 -12.59 3.55 -9.45
CA LYS A 47 -12.04 4.13 -8.22
C LYS A 47 -11.06 3.16 -7.57
N ILE A 48 -9.84 3.62 -7.31
CA ILE A 48 -8.82 2.78 -6.69
C ILE A 48 -8.15 3.59 -5.57
N GLN A 49 -8.09 3.00 -4.36
CA GLN A 49 -7.57 3.68 -3.19
C GLN A 49 -6.20 3.13 -2.82
N ASP A 50 -5.33 3.99 -2.28
CA ASP A 50 -3.99 3.54 -1.89
C ASP A 50 -3.88 3.40 -0.36
N VAL A 51 -2.67 3.12 0.11
CA VAL A 51 -2.48 2.87 1.55
C VAL A 51 -2.57 4.13 2.37
N ARG A 52 -2.31 5.28 1.75
CA ARG A 52 -2.40 6.58 2.41
C ARG A 52 -3.82 7.09 2.41
N GLY A 53 -4.78 6.27 1.95
CA GLY A 53 -6.17 6.61 1.96
C GLY A 53 -6.65 7.43 0.78
N ARG A 54 -5.77 7.83 -0.13
CA ARG A 54 -6.19 8.61 -1.29
C ARG A 54 -6.98 7.72 -2.27
N GLU A 55 -8.16 8.20 -2.65
CA GLU A 55 -8.99 7.52 -3.63
C GLU A 55 -8.80 8.22 -4.97
N TRP A 56 -8.22 7.50 -5.94
CA TRP A 56 -7.98 7.99 -7.29
C TRP A 56 -9.07 7.49 -8.23
N THR A 57 -9.58 8.37 -9.09
CA THR A 57 -10.58 8.00 -10.08
C THR A 57 -9.93 7.99 -11.45
N PHE A 58 -9.92 6.84 -12.10
CA PHE A 58 -9.43 6.68 -13.46
C PHE A 58 -10.60 6.38 -14.39
N GLN A 59 -10.38 6.51 -15.68
CA GLN A 59 -11.30 5.98 -16.68
C GLN A 59 -10.67 4.71 -17.22
N PHE A 60 -11.32 3.58 -16.96
CA PHE A 60 -10.89 2.26 -17.41
C PHE A 60 -11.59 1.97 -18.75
N ARG A 61 -10.83 1.93 -19.84
CA ARG A 61 -11.49 1.80 -21.15
C ARG A 61 -10.58 0.97 -22.04
N TYR A 62 -10.93 0.85 -23.32
CA TYR A 62 -10.01 0.15 -24.19
C TYR A 62 -9.93 0.88 -25.52
N TRP A 63 -8.87 0.57 -26.27
CA TRP A 63 -8.70 0.96 -27.68
C TRP A 63 -8.83 -0.26 -28.56
N PRO A 64 -9.66 -0.21 -29.59
CA PRO A 64 -9.61 -1.22 -30.65
C PRO A 64 -8.19 -1.32 -31.16
N ASN A 65 -7.72 -2.56 -31.36
CA ASN A 65 -6.33 -2.81 -31.76
C ASN A 65 -6.37 -4.05 -32.66
N ASN A 66 -6.27 -3.83 -33.98
CA ASN A 66 -6.63 -4.81 -35.02
C ASN A 66 -8.01 -5.35 -34.67
N ASN A 67 -8.20 -6.65 -34.54
CA ASN A 67 -9.48 -7.18 -34.10
C ASN A 67 -9.49 -7.44 -32.61
N SER A 68 -8.51 -6.89 -31.90
CA SER A 68 -8.36 -7.14 -30.47
C SER A 68 -8.57 -5.82 -29.72
N ARG A 69 -7.97 -5.70 -28.53
CA ARG A 69 -8.08 -4.51 -27.68
C ARG A 69 -6.78 -4.29 -26.93
N MET A 70 -6.49 -3.01 -26.68
CA MET A 70 -5.59 -2.58 -25.61
C MET A 70 -6.42 -1.95 -24.51
N TYR A 71 -6.15 -2.31 -23.25
CA TYR A 71 -6.85 -1.71 -22.11
C TYR A 71 -5.97 -0.65 -21.46
N VAL A 72 -6.60 0.43 -21.00
CA VAL A 72 -5.85 1.54 -20.43
C VAL A 72 -6.61 2.14 -19.26
N LEU A 73 -5.85 2.80 -18.39
CA LEU A 73 -6.36 3.73 -17.39
C LEU A 73 -6.00 5.12 -17.87
N GLU A 74 -7.00 5.96 -18.02
CA GLU A 74 -6.81 7.36 -18.34
C GLU A 74 -6.87 8.18 -17.06
N GLY A 75 -6.16 9.30 -17.07
CA GLY A 75 -6.16 10.24 -15.96
C GLY A 75 -5.17 9.91 -14.88
N VAL A 76 -4.07 9.22 -15.21
CA VAL A 76 -3.19 8.69 -14.18
C VAL A 76 -2.13 9.70 -13.73
N THR A 77 -2.00 10.84 -14.40
CA THR A 77 -0.89 11.74 -14.05
C THR A 77 -0.92 12.21 -12.59
N PRO A 78 -2.04 12.66 -12.01
CA PRO A 78 -1.99 13.05 -10.58
C PRO A 78 -1.48 11.92 -9.69
N CYS A 79 -1.93 10.69 -9.93
CA CYS A 79 -1.48 9.55 -9.14
C CYS A 79 0.03 9.35 -9.27
N ILE A 80 0.53 9.33 -10.51
CA ILE A 80 1.94 8.98 -10.75
C ILE A 80 2.87 9.99 -10.07
N GLN A 81 2.58 11.28 -10.18
CA GLN A 81 3.52 12.22 -9.56
C GLN A 81 3.27 12.39 -8.06
N SER A 82 2.03 12.22 -7.58
CA SER A 82 1.83 12.13 -6.12
C SER A 82 2.65 10.99 -5.51
N MET A 83 2.96 9.95 -6.28
CA MET A 83 3.76 8.85 -5.77
C MET A 83 5.22 8.94 -6.21
N MET A 84 5.60 9.99 -6.94
CA MET A 84 6.98 10.20 -7.39
C MET A 84 7.49 9.02 -8.24
N LEU A 85 6.61 8.39 -9.01
CA LEU A 85 7.00 7.29 -9.89
C LEU A 85 7.56 7.81 -11.20
N GLN A 86 8.42 7.00 -11.82
CA GLN A 86 9.01 7.26 -13.14
C GLN A 86 9.00 5.95 -13.92
N ALA A 87 9.40 6.01 -15.19
CA ALA A 87 9.57 4.77 -15.97
C ALA A 87 10.51 3.79 -15.27
N GLY A 88 10.13 2.51 -15.28
CA GLY A 88 10.85 1.45 -14.59
C GLY A 88 10.37 1.14 -13.19
N ASP A 89 9.67 2.07 -12.56
CA ASP A 89 8.98 1.83 -11.31
C ASP A 89 7.76 0.93 -11.54
N THR A 90 7.26 0.31 -10.46
CA THR A 90 6.20 -0.69 -10.57
C THR A 90 4.98 -0.27 -9.76
N VAL A 91 3.78 -0.42 -10.35
CA VAL A 91 2.51 -0.17 -9.69
C VAL A 91 1.85 -1.52 -9.44
N THR A 92 1.34 -1.73 -8.23
CA THR A 92 0.70 -3.00 -7.87
C THR A 92 -0.79 -2.75 -7.68
N PHE A 93 -1.61 -3.61 -8.27
CA PHE A 93 -3.06 -3.56 -8.14
C PHE A 93 -3.51 -4.75 -7.31
N SER A 94 -4.28 -4.50 -6.25
CA SER A 94 -4.73 -5.58 -5.38
C SER A 94 -6.19 -5.33 -5.03
N ARG A 95 -6.73 -6.25 -4.24
CA ARG A 95 -8.12 -6.27 -3.88
C ARG A 95 -8.21 -6.65 -2.40
N VAL A 96 -9.20 -6.09 -1.69
CA VAL A 96 -9.52 -6.49 -0.31
C VAL A 96 -10.74 -7.40 -0.30
N ASP A 97 -10.56 -8.67 0.12
CA ASP A 97 -11.65 -9.68 0.08
C ASP A 97 -12.04 -10.08 1.51
N PRO A 98 -13.32 -10.38 1.75
CA PRO A 98 -14.44 -10.27 0.81
C PRO A 98 -14.81 -8.81 0.58
N GLY A 99 -15.28 -8.56 -0.63
CA GLY A 99 -15.69 -7.23 -1.04
C GLY A 99 -15.22 -6.96 -2.44
N GLY A 100 -13.97 -7.30 -2.73
CA GLY A 100 -13.44 -6.94 -4.03
C GLY A 100 -13.09 -5.49 -4.20
N LYS A 101 -12.95 -4.75 -3.11
CA LYS A 101 -12.47 -3.37 -3.19
C LYS A 101 -11.06 -3.29 -3.77
N LEU A 102 -10.88 -2.48 -4.82
CA LEU A 102 -9.60 -2.36 -5.52
C LEU A 102 -8.68 -1.39 -4.79
N ILE A 103 -7.43 -1.81 -4.58
CA ILE A 103 -6.44 -0.92 -3.98
C ILE A 103 -5.16 -0.97 -4.80
N MET A 104 -4.22 -0.06 -4.48
CA MET A 104 -3.00 0.02 -5.28
C MET A 104 -1.86 0.57 -4.45
N GLY A 105 -0.65 0.34 -4.95
CA GLY A 105 0.55 0.85 -4.34
C GLY A 105 1.63 0.71 -5.39
N SER A 106 2.85 1.07 -4.99
CA SER A 106 3.93 1.16 -5.96
C SER A 106 5.28 1.01 -5.26
N ARG A 107 6.30 0.78 -6.08
CA ARG A 107 7.65 0.68 -5.56
C ARG A 107 8.61 1.19 -6.63
N LYS A 108 9.77 1.67 -6.16
CA LYS A 108 10.81 2.16 -7.05
C LYS A 108 11.65 1.00 -7.60
N ALA A 109 12.18 1.19 -8.80
CA ALA A 109 13.06 0.19 -9.38
C ALA A 109 14.32 0.00 -8.52
N ALA A 110 14.82 -1.23 -8.51
CA ALA A 110 16.08 -1.56 -7.81
C ALA A 110 17.30 -0.90 -8.48
N MET B 1 -18.84 2.48 0.49
CA MET B 1 -19.84 1.52 0.96
C MET B 1 -19.41 0.96 2.30
N ASN B 2 -18.96 -0.29 2.28
CA ASN B 2 -18.64 -0.97 3.51
C ASN B 2 -17.15 -1.25 3.67
N LEU B 3 -16.25 -0.67 2.86
CA LEU B 3 -14.81 -0.79 3.16
C LEU B 3 -14.03 0.46 2.76
N ASN B 4 -13.17 0.94 3.65
CA ASN B 4 -12.41 2.17 3.40
C ASN B 4 -11.08 2.13 4.14
N ILE B 5 -10.02 2.57 3.46
CA ILE B 5 -8.68 2.71 4.03
C ILE B 5 -8.57 4.06 4.72
N VAL B 6 -8.29 4.05 6.02
CA VAL B 6 -8.09 5.26 6.82
C VAL B 6 -6.63 5.31 7.25
N PRO B 7 -5.87 6.36 6.90
CA PRO B 7 -4.47 6.43 7.35
C PRO B 7 -4.44 6.78 8.82
N LEU B 8 -3.54 6.14 9.55
CA LEU B 8 -3.40 6.39 10.97
C LEU B 8 -2.20 7.28 11.25
N PHE B 9 -0.99 6.84 10.94
CA PHE B 9 0.19 7.64 11.21
C PHE B 9 1.36 7.08 10.42
N GLU B 10 2.47 7.81 10.46
CA GLU B 10 3.70 7.44 9.75
C GLU B 10 4.88 7.55 10.69
N LYS B 11 5.97 6.89 10.29
CA LYS B 11 7.24 7.01 10.99
C LYS B 11 8.36 7.13 9.96
N THR B 12 9.17 8.17 10.09
CA THR B 12 10.41 8.23 9.31
C THR B 12 11.49 7.44 10.01
N LEU B 13 12.09 6.49 9.30
CA LEU B 13 13.00 5.56 9.90
C LEU B 13 14.29 6.25 10.32
N SER B 14 14.64 6.10 11.60
CA SER B 14 15.96 6.44 12.09
C SER B 14 16.97 5.35 11.67
N ALA B 15 18.25 5.64 11.88
CA ALA B 15 19.27 4.59 11.74
C ALA B 15 18.98 3.41 12.68
N SER B 16 18.53 3.68 13.91
CA SER B 16 18.19 2.55 14.78
C SER B 16 17.04 1.74 14.21
N ASP B 17 16.02 2.41 13.69
CA ASP B 17 14.88 1.69 13.11
C ASP B 17 15.29 0.84 11.92
N ALA B 18 16.19 1.32 11.08
CA ALA B 18 16.46 0.71 9.78
C ALA B 18 17.57 -0.32 9.82
N GLY B 19 18.30 -0.40 10.92
CA GLY B 19 19.48 -1.21 10.99
C GLY B 19 19.25 -2.57 11.59
N ARG B 20 20.33 -3.16 12.10
CA ARG B 20 20.41 -4.58 12.42
C ARG B 20 19.63 -4.95 13.67
N ILE B 21 19.31 -4.00 14.55
CA ILE B 21 18.72 -4.42 15.82
C ILE B 21 17.33 -5.01 15.61
N GLY B 22 16.64 -4.59 14.56
CA GLY B 22 15.41 -5.22 14.16
C GLY B 22 14.19 -4.75 14.87
N ARG B 23 14.18 -3.49 15.32
CA ARG B 23 12.98 -2.95 15.93
C ARG B 23 12.88 -1.48 15.55
N LEU B 24 11.66 -1.00 15.60
CA LEU B 24 11.28 0.32 15.17
C LEU B 24 10.54 1.00 16.31
N VAL B 25 10.96 2.20 16.68
CA VAL B 25 10.25 2.96 17.70
C VAL B 25 8.99 3.59 17.10
N LEU B 26 7.79 3.34 17.77
CA LEU B 26 6.55 3.98 17.35
C LEU B 26 6.38 5.32 18.06
N PRO B 27 5.82 6.36 17.44
CA PRO B 27 5.52 7.58 18.21
C PRO B 27 4.52 7.23 19.31
N LYS B 28 4.83 7.66 20.53
CA LYS B 28 4.04 7.19 21.69
C LYS B 28 2.56 7.52 21.53
N ALA B 29 2.26 8.77 21.20
CA ALA B 29 0.87 9.15 21.11
C ALA B 29 0.10 8.41 19.97
N CME B 30 0.79 8.02 18.91
CA CME B 30 0.15 7.31 17.80
CB CME B 30 1.06 7.34 16.57
SG CME B 30 1.30 9.02 16.03
SD CME B 30 -0.56 9.76 15.65
CE CME B 30 -1.21 10.47 17.15
CZ CME B 30 -0.99 11.96 17.20
OH CME B 30 0.15 12.24 18.03
C CME B 30 -0.13 5.88 18.19
O CME B 30 -1.23 5.35 17.93
N ALA B 31 0.85 5.24 18.82
CA ALA B 31 0.73 3.88 19.31
C ALA B 31 -0.47 3.76 20.28
N GLU B 32 -0.60 4.71 21.21
CA GLU B 32 -1.69 4.62 22.17
C GLU B 32 -3.06 4.95 21.55
N ALA B 33 -3.08 5.75 20.48
CA ALA B 33 -4.35 6.16 19.89
C ALA B 33 -4.88 5.12 18.91
N TYR B 34 -3.99 4.45 18.19
CA TYR B 34 -4.38 3.69 17.02
C TYR B 34 -4.02 2.22 17.10
N PHE B 35 -3.07 1.80 17.93
CA PHE B 35 -2.83 0.37 18.05
C PHE B 35 -3.56 -0.17 19.28
N PRO B 36 -3.74 -1.50 19.40
CA PRO B 36 -4.56 -2.04 20.48
C PRO B 36 -3.97 -1.69 21.84
N PRO B 37 -4.79 -1.24 22.78
CA PRO B 37 -4.26 -0.82 24.09
C PRO B 37 -3.56 -2.01 24.73
N ILE B 38 -2.36 -1.77 25.24
CA ILE B 38 -1.62 -2.78 25.98
C ILE B 38 -1.30 -2.21 27.36
N SER B 39 -1.47 -3.05 28.39
CA SER B 39 -1.18 -2.66 29.76
C SER B 39 -0.18 -3.61 30.42
N GLN B 40 0.45 -4.49 29.65
CA GLN B 40 1.51 -5.32 30.18
C GLN B 40 2.62 -5.26 29.14
N SER B 41 3.87 -5.21 29.61
CA SER B 41 4.93 -4.70 28.74
C SER B 41 5.35 -5.66 27.64
N GLU B 42 5.05 -6.96 27.78
CA GLU B 42 5.41 -7.92 26.72
C GLU B 42 4.59 -7.71 25.47
N GLY B 43 3.49 -7.00 25.58
CA GLY B 43 2.71 -6.62 24.43
C GLY B 43 2.14 -7.83 23.74
N ILE B 44 1.88 -7.67 22.46
CA ILE B 44 1.11 -8.67 21.71
C ILE B 44 1.76 -8.86 20.35
N PRO B 45 1.53 -10.04 19.75
CA PRO B 45 1.83 -10.16 18.32
C PRO B 45 0.87 -9.27 17.57
N LEU B 46 1.39 -8.62 16.54
CA LEU B 46 0.61 -7.67 15.79
C LEU B 46 0.88 -8.01 14.34
N LYS B 47 -0.15 -8.40 13.61
CA LYS B 47 0.07 -8.80 12.24
C LYS B 47 -0.48 -7.71 11.32
N ILE B 48 0.34 -7.30 10.34
CA ILE B 48 0.06 -6.14 9.50
C ILE B 48 0.37 -6.52 8.05
N GLN B 49 -0.58 -6.32 7.15
CA GLN B 49 -0.44 -6.73 5.76
C GLN B 49 -0.15 -5.54 4.85
N ASP B 50 0.69 -5.75 3.83
CA ASP B 50 0.97 -4.72 2.84
C ASP B 50 0.16 -4.99 1.57
N VAL B 51 0.26 -4.05 0.63
CA VAL B 51 -0.55 -4.08 -0.58
C VAL B 51 -0.16 -5.21 -1.51
N ARG B 52 1.05 -5.72 -1.37
CA ARG B 52 1.39 -6.94 -2.09
C ARG B 52 0.82 -8.20 -1.41
N GLY B 53 -0.01 -8.05 -0.38
CA GLY B 53 -0.61 -9.19 0.28
C GLY B 53 0.25 -9.91 1.31
N ARG B 54 1.47 -9.44 1.56
CA ARG B 54 2.34 -10.13 2.49
CA ARG B 54 2.37 -10.09 2.50
C ARG B 54 1.97 -9.74 3.92
N GLU B 55 1.80 -10.73 4.78
CA GLU B 55 1.39 -10.47 6.15
C GLU B 55 2.62 -10.55 7.06
N TRP B 56 2.98 -9.42 7.65
CA TRP B 56 4.10 -9.33 8.58
C TRP B 56 3.59 -9.47 10.00
N THR B 57 4.22 -10.34 10.79
CA THR B 57 3.93 -10.46 12.22
C THR B 57 5.04 -9.80 13.01
N PHE B 58 4.67 -8.79 13.80
CA PHE B 58 5.57 -8.03 14.65
C PHE B 58 5.18 -8.28 16.10
N GLN B 59 6.09 -8.04 17.02
CA GLN B 59 5.73 -7.97 18.43
C GLN B 59 5.57 -6.49 18.76
N PHE B 60 4.35 -6.11 19.12
CA PHE B 60 4.04 -4.75 19.55
C PHE B 60 4.07 -4.72 21.08
N ARG B 61 4.95 -3.92 21.64
CA ARG B 61 5.22 -3.95 23.08
C ARG B 61 5.79 -2.60 23.51
N TYR B 62 6.02 -2.46 24.80
CA TYR B 62 6.60 -1.19 25.26
C TYR B 62 7.71 -1.48 26.23
N TRP B 63 8.55 -0.46 26.41
CA TRP B 63 9.54 -0.44 27.46
C TRP B 63 9.13 0.62 28.48
N PRO B 64 9.24 0.37 29.79
CA PRO B 64 9.17 1.46 30.75
C PRO B 64 10.29 2.44 30.47
N ASN B 65 10.00 3.71 30.63
CA ASN B 65 10.96 4.77 30.30
C ASN B 65 10.69 5.90 31.29
N ASN B 66 11.51 5.98 32.36
CA ASN B 66 11.20 6.77 33.57
C ASN B 66 9.81 6.34 34.06
N ASN B 67 8.90 7.28 34.31
CA ASN B 67 7.53 6.98 34.67
C ASN B 67 6.61 6.88 33.45
N SER B 68 7.18 6.75 32.25
CA SER B 68 6.44 6.70 31.00
C SER B 68 6.75 5.39 30.27
N ARG B 69 6.59 5.38 28.95
CA ARG B 69 6.80 4.21 28.11
C ARG B 69 7.32 4.67 26.75
N MET B 70 8.10 3.80 26.11
CA MET B 70 8.37 3.86 24.67
C MET B 70 7.73 2.63 24.04
N TYR B 71 7.04 2.82 22.93
CA TYR B 71 6.42 1.72 22.22
C TYR B 71 7.28 1.34 21.03
N VAL B 72 7.40 0.03 20.76
CA VAL B 72 8.21 -0.47 19.66
C VAL B 72 7.49 -1.59 18.90
N LEU B 73 7.88 -1.73 17.63
CA LEU B 73 7.58 -2.91 16.83
C LEU B 73 8.85 -3.74 16.70
N GLU B 74 8.83 -4.96 17.21
CA GLU B 74 9.98 -5.84 17.15
C GLU B 74 9.83 -6.87 16.03
N GLY B 75 10.97 -7.32 15.51
CA GLY B 75 10.95 -8.24 14.38
C GLY B 75 10.72 -7.60 13.03
N VAL B 76 11.18 -6.37 12.80
CA VAL B 76 10.85 -5.69 11.54
C VAL B 76 11.85 -5.89 10.40
N THR B 77 12.99 -6.55 10.64
CA THR B 77 14.00 -6.63 9.56
C THR B 77 13.50 -7.30 8.29
N PRO B 78 12.86 -8.49 8.31
CA PRO B 78 12.37 -9.04 7.03
C PRO B 78 11.48 -8.07 6.27
N CYS B 79 10.63 -7.33 6.97
CA CYS B 79 9.73 -6.39 6.31
C CYS B 79 10.49 -5.21 5.69
N ILE B 80 11.34 -4.57 6.50
CA ILE B 80 12.19 -3.48 6.03
C ILE B 80 12.98 -3.90 4.79
N GLN B 81 13.60 -5.07 4.85
CA GLN B 81 14.42 -5.52 3.73
C GLN B 81 13.57 -5.84 2.52
N SER B 82 12.41 -6.45 2.75
CA SER B 82 11.53 -6.73 1.63
C SER B 82 11.07 -5.45 0.92
N MET B 83 10.84 -4.39 1.66
CA MET B 83 10.42 -3.12 1.07
C MET B 83 11.59 -2.23 0.67
N MET B 84 12.83 -2.72 0.77
CA MET B 84 14.05 -2.00 0.42
C MET B 84 14.09 -0.62 1.08
N LEU B 85 13.81 -0.58 2.39
CA LEU B 85 13.78 0.67 3.14
C LEU B 85 15.11 0.90 3.83
N GLN B 86 15.43 2.16 4.07
CA GLN B 86 16.63 2.51 4.80
C GLN B 86 16.35 3.77 5.59
N ALA B 87 17.31 4.22 6.39
CA ALA B 87 17.12 5.38 7.23
C ALA B 87 16.69 6.58 6.39
N GLY B 88 15.67 7.29 6.88
CA GLY B 88 15.13 8.44 6.16
C GLY B 88 13.92 8.14 5.30
N ASP B 89 13.65 6.87 4.98
CA ASP B 89 12.40 6.48 4.33
C ASP B 89 11.26 6.51 5.34
N THR B 90 10.03 6.39 4.86
CA THR B 90 8.86 6.55 5.74
C THR B 90 7.95 5.34 5.62
N VAL B 91 7.51 4.82 6.75
CA VAL B 91 6.54 3.74 6.82
C VAL B 91 5.21 4.35 7.20
N THR B 92 4.12 3.94 6.52
CA THR B 92 2.76 4.42 6.79
C THR B 92 1.91 3.29 7.36
N PHE B 93 1.15 3.60 8.40
CA PHE B 93 0.24 2.63 8.98
C PHE B 93 -1.19 3.09 8.76
N SER B 94 -2.03 2.16 8.28
CA SER B 94 -3.42 2.49 8.01
C SER B 94 -4.30 1.36 8.52
N ARG B 95 -5.60 1.61 8.42
CA ARG B 95 -6.67 0.79 8.96
C ARG B 95 -7.68 0.63 7.82
N VAL B 96 -8.18 -0.59 7.59
CA VAL B 96 -9.33 -0.78 6.72
C VAL B 96 -10.58 -0.75 7.61
N ASP B 97 -11.43 0.23 7.41
CA ASP B 97 -12.69 0.34 8.18
C ASP B 97 -13.90 -0.03 7.32
N PRO B 98 -14.96 -0.58 7.95
CA PRO B 98 -14.97 -0.96 9.38
C PRO B 98 -14.34 -2.35 9.63
N GLY B 99 -13.82 -2.58 10.81
CA GLY B 99 -13.20 -3.86 11.09
C GLY B 99 -11.79 -3.73 11.61
N GLY B 100 -11.13 -2.62 11.30
CA GLY B 100 -9.85 -2.29 11.91
C GLY B 100 -8.67 -3.17 11.53
N LYS B 101 -8.71 -3.81 10.36
CA LYS B 101 -7.56 -4.56 9.88
C LYS B 101 -6.38 -3.62 9.69
N LEU B 102 -5.23 -3.97 10.22
CA LEU B 102 -4.07 -3.10 10.10
C LEU B 102 -3.35 -3.38 8.78
N ILE B 103 -2.98 -2.31 8.07
CA ILE B 103 -2.19 -2.44 6.84
C ILE B 103 -1.09 -1.39 6.86
N MET B 104 -0.09 -1.61 6.00
CA MET B 104 1.06 -0.72 5.96
C MET B 104 1.57 -0.59 4.54
N GLY B 105 2.28 0.51 4.30
CA GLY B 105 2.99 0.73 3.07
C GLY B 105 4.16 1.63 3.40
N SER B 106 4.91 2.04 2.38
CA SER B 106 6.11 2.83 2.65
C SER B 106 6.44 3.65 1.42
N ARG B 107 7.31 4.64 1.61
CA ARG B 107 7.85 5.42 0.50
C ARG B 107 9.31 5.76 0.75
N LYS B 108 10.07 5.88 -0.34
CA LYS B 108 11.47 6.30 -0.24
C LYS B 108 11.57 7.80 -0.06
N ALA B 109 12.64 8.23 0.60
CA ALA B 109 12.92 9.66 0.71
C ALA B 109 13.14 10.26 -0.67
N ALA B 110 12.71 11.51 -0.81
CA ALA B 110 12.98 12.34 -1.96
C ALA B 110 14.47 12.62 -2.09
#